data_1PVL
#
_entry.id   1PVL
#
_cell.length_a   50.740
_cell.length_b   72.380
_cell.length_c   98.930
_cell.angle_alpha   90.00
_cell.angle_beta   90.00
_cell.angle_gamma   90.00
#
_symmetry.space_group_name_H-M   'P 21 21 21'
#
loop_
_entity.id
_entity.type
_entity.pdbx_description
1 polymer LEUCOCIDIN
2 non-polymer '2-(N-MORPHOLINO)-ETHANESULFONIC ACID'
3 water water
#
_entity_poly.entity_id   1
_entity_poly.type   'polypeptide(L)'
_entity_poly.pdbx_seq_one_letter_code
;AQHITPVSEKKVDDKITLYKTTATSDSDKLKISQILTFNFIKDKSYDKDTLILKAAGNIYSGYTKPNPKDTISSQFYWGS
KYNISINSDSNDSVNVVDYAPKNQNEEFQVQQTVGYSYGGDINISNGLSGGGNGSKSFSETINYKQESYRTSLDKRTNFK
KIGWDVEAHKIMNNGWGPYGRDSYHSTYGNEMFLGSRQSNLNAGQNFLEYHKMPVLSRGNFNPEFIGVLSRKQNAAKKSK
ITVTYQREMDRYTNFWNQLHWIGNNYKDENRATHTSIYEVDWENHTVKLIDTQSKEKNPMS
;
_entity_poly.pdbx_strand_id   A
#
# COMPACT_ATOMS: atom_id res chain seq x y z
N ALA A 1 3.01 16.13 -8.95
CA ALA A 1 1.82 16.65 -9.69
C ALA A 1 0.50 16.32 -8.99
N GLN A 2 -0.57 16.98 -9.42
CA GLN A 2 -1.89 16.73 -8.86
C GLN A 2 -2.96 16.96 -9.94
N HIS A 3 -4.01 16.17 -9.89
CA HIS A 3 -5.09 16.28 -10.86
C HIS A 3 -6.38 15.66 -10.35
N ILE A 4 -7.51 16.22 -10.80
CA ILE A 4 -8.82 15.68 -10.40
C ILE A 4 -9.74 15.70 -11.64
N THR A 5 -10.30 14.56 -12.01
CA THR A 5 -11.20 14.53 -13.16
C THR A 5 -12.56 15.07 -12.75
N PRO A 6 -13.31 15.57 -13.74
CA PRO A 6 -14.64 16.08 -13.50
C PRO A 6 -15.49 14.85 -13.12
N VAL A 7 -16.61 15.03 -12.46
CA VAL A 7 -17.46 13.94 -12.06
C VAL A 7 -18.07 13.16 -13.21
N SER A 8 -18.10 11.85 -13.10
CA SER A 8 -18.69 10.95 -14.12
C SER A 8 -19.95 10.35 -13.51
N GLU A 9 -21.11 10.73 -14.04
CA GLU A 9 -22.38 10.24 -13.55
C GLU A 9 -22.93 9.09 -14.39
N LYS A 10 -23.27 7.99 -13.71
CA LYS A 10 -23.80 6.80 -14.34
C LYS A 10 -24.98 6.24 -13.56
N LYS A 11 -26.03 5.88 -14.28
CA LYS A 11 -27.23 5.33 -13.64
C LYS A 11 -27.01 3.81 -13.59
N VAL A 12 -26.76 3.28 -12.40
CA VAL A 12 -26.52 1.85 -12.21
C VAL A 12 -27.80 1.10 -12.53
N ASP A 13 -28.85 1.47 -11.81
CA ASP A 13 -30.17 0.87 -12.05
C ASP A 13 -31.19 2.01 -11.95
N ASP A 14 -32.46 1.69 -11.81
CA ASP A 14 -33.51 2.67 -11.72
C ASP A 14 -33.44 3.48 -10.42
N LYS A 15 -32.87 2.94 -9.36
CA LYS A 15 -32.75 3.57 -8.07
C LYS A 15 -31.40 4.04 -7.56
N ILE A 16 -30.31 3.52 -8.12
CA ILE A 16 -28.96 3.85 -7.70
C ILE A 16 -28.16 4.58 -8.77
N THR A 17 -27.49 5.64 -8.35
CA THR A 17 -26.69 6.44 -9.26
C THR A 17 -25.24 6.47 -8.80
N LEU A 18 -24.31 6.42 -9.75
CA LEU A 18 -22.89 6.43 -9.42
C LEU A 18 -22.32 7.81 -9.83
N TYR A 19 -21.57 8.42 -8.96
CA TYR A 19 -20.93 9.71 -9.22
C TYR A 19 -19.44 9.38 -8.98
N LYS A 20 -18.69 9.19 -10.04
CA LYS A 20 -17.29 8.83 -9.94
C LYS A 20 -16.33 9.95 -10.30
N THR A 21 -15.29 10.15 -9.49
CA THR A 21 -14.25 11.12 -9.68
C THR A 21 -12.89 10.46 -9.39
N THR A 22 -11.90 10.70 -10.21
CA THR A 22 -10.56 10.12 -10.00
C THR A 22 -9.61 11.24 -9.62
N ALA A 23 -8.96 11.13 -8.47
CA ALA A 23 -8.02 12.14 -8.00
C ALA A 23 -6.61 11.55 -7.97
N THR A 24 -5.63 12.27 -8.47
CA THR A 24 -4.26 11.77 -8.47
C THR A 24 -3.30 12.77 -7.89
N SER A 25 -2.24 12.27 -7.23
CA SER A 25 -1.23 13.14 -6.66
C SER A 25 0.03 12.28 -6.49
N ASP A 26 1.19 12.91 -6.66
CA ASP A 26 2.40 12.14 -6.49
C ASP A 26 3.60 13.02 -6.11
N SER A 27 4.64 12.31 -5.73
CA SER A 27 5.90 12.90 -5.38
C SER A 27 6.89 12.37 -6.42
N ASP A 28 7.38 13.27 -7.29
CA ASP A 28 8.34 12.75 -8.26
C ASP A 28 9.62 12.38 -7.51
N LYS A 29 9.99 13.17 -6.51
CA LYS A 29 11.19 12.92 -5.75
C LYS A 29 11.17 11.57 -5.05
N LEU A 30 10.05 11.18 -4.43
CA LEU A 30 9.97 9.92 -3.71
C LEU A 30 9.48 8.73 -4.52
N LYS A 31 9.00 8.97 -5.71
CA LYS A 31 8.49 7.92 -6.61
C LYS A 31 7.29 7.26 -5.90
N ILE A 32 6.38 8.08 -5.43
CA ILE A 32 5.17 7.57 -4.75
C ILE A 32 3.98 8.23 -5.47
N SER A 33 3.01 7.48 -5.97
CA SER A 33 1.90 8.18 -6.64
C SER A 33 0.59 7.54 -6.23
N GLN A 34 -0.41 8.36 -6.02
CA GLN A 34 -1.73 7.96 -5.61
C GLN A 34 -2.76 8.17 -6.74
N ILE A 35 -3.53 7.12 -6.99
CA ILE A 35 -4.60 7.12 -8.00
C ILE A 35 -5.84 6.68 -7.18
N LEU A 36 -6.62 7.68 -6.80
CA LEU A 36 -7.79 7.43 -5.96
C LEU A 36 -9.11 7.55 -6.72
N THR A 37 -9.90 6.49 -6.69
CA THR A 37 -11.21 6.56 -7.36
C THR A 37 -12.28 6.77 -6.30
N PHE A 38 -12.95 7.90 -6.33
CA PHE A 38 -14.02 8.20 -5.38
C PHE A 38 -15.34 7.79 -6.07
N ASN A 39 -15.92 6.69 -5.62
CA ASN A 39 -17.16 6.17 -6.18
C ASN A 39 -18.28 6.53 -5.20
N PHE A 40 -18.97 7.64 -5.47
CA PHE A 40 -20.04 8.03 -4.56
C PHE A 40 -21.32 7.32 -5.04
N ILE A 41 -22.00 6.67 -4.11
CA ILE A 41 -23.23 5.97 -4.41
C ILE A 41 -24.45 6.69 -3.80
N LYS A 42 -25.44 6.90 -4.65
CA LYS A 42 -26.68 7.54 -4.24
C LYS A 42 -27.82 6.54 -4.57
N ASP A 43 -28.53 6.15 -3.55
CA ASP A 43 -29.64 5.20 -3.62
C ASP A 43 -30.89 5.76 -2.95
N LYS A 44 -31.99 5.80 -3.72
CA LYS A 44 -33.27 6.31 -3.26
C LYS A 44 -33.85 5.63 -2.04
N SER A 45 -33.55 4.36 -1.79
CA SER A 45 -34.08 3.63 -0.64
C SER A 45 -33.21 3.70 0.61
N TYR A 46 -32.11 4.44 0.60
CA TYR A 46 -31.26 4.51 1.82
C TYR A 46 -30.97 5.95 2.14
N ASP A 47 -31.07 6.33 3.42
CA ASP A 47 -30.82 7.70 3.84
C ASP A 47 -29.38 8.02 4.16
N LYS A 48 -28.40 7.26 3.69
CA LYS A 48 -26.99 7.53 3.93
C LYS A 48 -26.28 7.48 2.56
N ASP A 49 -25.24 8.31 2.39
CA ASP A 49 -24.50 8.26 1.12
C ASP A 49 -23.41 7.19 1.31
N THR A 50 -23.01 6.52 0.24
CA THR A 50 -21.96 5.52 0.38
C THR A 50 -20.83 5.92 -0.59
N LEU A 51 -19.61 5.88 -0.09
CA LEU A 51 -18.43 6.21 -0.84
C LEU A 51 -17.50 4.99 -0.86
N ILE A 52 -17.36 4.40 -2.03
CA ILE A 52 -16.48 3.24 -2.20
C ILE A 52 -15.19 3.86 -2.79
N LEU A 53 -14.21 4.05 -1.93
CA LEU A 53 -12.95 4.66 -2.33
C LEU A 53 -11.85 3.64 -2.57
N LYS A 54 -11.35 3.63 -3.81
CA LYS A 54 -10.29 2.73 -4.22
C LYS A 54 -8.96 3.47 -4.18
N ALA A 55 -7.98 2.88 -3.52
CA ALA A 55 -6.65 3.55 -3.46
C ALA A 55 -5.69 2.71 -4.29
N ALA A 56 -5.17 3.32 -5.37
CA ALA A 56 -4.24 2.54 -6.20
C ALA A 56 -3.04 3.43 -6.56
N GLY A 57 -2.24 3.05 -7.52
CA GLY A 57 -1.09 3.89 -7.86
C GLY A 57 0.22 3.17 -7.69
N ASN A 58 1.25 3.88 -7.22
CA ASN A 58 2.55 3.24 -7.08
C ASN A 58 3.39 3.70 -5.92
N ILE A 59 4.16 2.76 -5.34
CA ILE A 59 5.03 3.11 -4.22
C ILE A 59 6.39 2.49 -4.50
N TYR A 60 7.39 3.27 -4.89
CA TYR A 60 8.72 2.71 -5.14
C TYR A 60 9.22 2.03 -3.86
N SER A 61 9.95 0.93 -3.96
CA SER A 61 10.44 0.22 -2.77
C SER A 61 11.48 1.01 -2.00
N GLY A 62 12.16 1.93 -2.67
CA GLY A 62 13.20 2.71 -1.99
C GLY A 62 14.52 1.95 -2.07
N TYR A 63 14.56 0.86 -2.82
CA TYR A 63 15.80 0.09 -2.94
C TYR A 63 16.97 0.89 -3.51
N THR A 64 18.18 0.63 -3.03
CA THR A 64 19.37 1.32 -3.53
C THR A 64 20.35 0.19 -3.88
N LYS A 65 20.94 0.15 -5.06
CA LYS A 65 21.83 -0.97 -5.35
C LYS A 65 23.17 -0.77 -4.60
N PRO A 66 23.72 -1.87 -4.14
CA PRO A 66 25.00 -1.80 -3.41
C PRO A 66 26.12 -1.54 -4.43
N ASN A 67 27.12 -0.81 -3.98
CA ASN A 67 28.25 -0.49 -4.85
C ASN A 67 29.09 -1.76 -5.00
N PRO A 68 29.27 -2.24 -6.24
CA PRO A 68 30.04 -3.43 -6.52
C PRO A 68 31.50 -3.36 -6.15
N LYS A 69 32.08 -2.18 -5.94
CA LYS A 69 33.48 -2.01 -5.57
C LYS A 69 33.67 -2.08 -4.07
N ASP A 70 32.60 -2.12 -3.28
CA ASP A 70 32.74 -2.19 -1.83
C ASP A 70 33.48 -3.46 -1.42
N THR A 71 34.49 -3.30 -0.59
CA THR A 71 35.24 -4.46 -0.12
C THR A 71 35.08 -4.51 1.41
N ILE A 72 35.22 -5.67 1.98
CA ILE A 72 35.14 -5.94 3.41
C ILE A 72 33.69 -5.96 3.88
N SER A 73 32.98 -4.86 3.71
CA SER A 73 31.57 -4.81 4.07
C SER A 73 30.80 -4.01 3.04
N SER A 74 29.53 -4.30 2.87
CA SER A 74 28.72 -3.51 1.93
C SER A 74 27.31 -3.40 2.49
N GLN A 75 26.42 -2.69 1.81
CA GLN A 75 25.07 -2.55 2.32
C GLN A 75 24.11 -1.96 1.29
N PHE A 76 22.82 -2.06 1.56
CA PHE A 76 21.83 -1.47 0.62
C PHE A 76 20.52 -1.29 1.39
N TYR A 77 19.68 -0.43 0.86
CA TYR A 77 18.34 -0.19 1.46
C TYR A 77 17.39 -1.04 0.60
N TRP A 78 16.34 -1.54 1.22
CA TRP A 78 15.36 -2.33 0.48
C TRP A 78 14.02 -1.99 1.11
N GLY A 79 12.95 -2.18 0.37
CA GLY A 79 11.60 -1.86 0.86
C GLY A 79 11.08 -3.06 1.65
N SER A 80 11.07 -2.90 2.96
CA SER A 80 10.65 -3.94 3.88
C SER A 80 9.18 -3.90 4.26
N LYS A 81 8.58 -2.71 4.16
CA LYS A 81 7.17 -2.64 4.54
C LYS A 81 6.48 -1.46 3.88
N TYR A 82 5.24 -1.67 3.52
CA TYR A 82 4.46 -0.60 2.90
C TYR A 82 3.22 -0.41 3.80
N ASN A 83 2.79 0.84 3.91
CA ASN A 83 1.61 1.13 4.70
C ASN A 83 0.71 2.08 3.86
N ILE A 84 -0.54 1.69 3.76
CA ILE A 84 -1.55 2.46 3.05
C ILE A 84 -2.66 2.79 4.05
N SER A 85 -2.90 4.05 4.32
CA SER A 85 -3.94 4.44 5.26
C SER A 85 -4.92 5.47 4.66
N ILE A 86 -6.13 5.39 5.19
CA ILE A 86 -7.22 6.27 4.80
C ILE A 86 -7.91 6.73 6.10
N ASN A 87 -8.04 8.03 6.36
CA ASN A 87 -8.77 8.34 7.61
C ASN A 87 -9.78 9.48 7.33
N SER A 88 -10.89 9.42 8.04
CA SER A 88 -11.94 10.41 7.90
C SER A 88 -11.91 11.37 9.09
N ASP A 89 -12.08 12.66 8.85
CA ASP A 89 -12.07 13.67 9.89
C ASP A 89 -13.07 14.78 9.46
N SER A 90 -13.30 15.70 10.39
CA SER A 90 -14.18 16.85 10.15
C SER A 90 -15.64 16.55 9.95
N ASN A 91 -16.14 15.43 10.46
CA ASN A 91 -17.56 15.10 10.30
C ASN A 91 -17.88 13.81 11.04
N ASP A 92 -18.42 13.93 12.25
CA ASP A 92 -18.75 12.77 13.05
C ASP A 92 -19.81 11.88 12.46
N SER A 93 -20.50 12.32 11.41
CA SER A 93 -21.51 11.49 10.76
C SER A 93 -20.94 10.65 9.63
N VAL A 94 -19.63 10.73 9.37
CA VAL A 94 -18.99 9.95 8.33
C VAL A 94 -18.23 8.77 8.98
N ASN A 95 -18.68 7.55 8.69
CA ASN A 95 -18.04 6.38 9.26
C ASN A 95 -17.56 5.32 8.26
N VAL A 96 -16.48 4.64 8.67
CA VAL A 96 -15.94 3.56 7.85
C VAL A 96 -16.91 2.38 8.04
N VAL A 97 -17.48 1.84 6.98
CA VAL A 97 -18.41 0.73 7.18
C VAL A 97 -17.88 -0.58 6.63
N ASP A 98 -16.84 -0.53 5.79
CA ASP A 98 -16.30 -1.79 5.26
C ASP A 98 -14.98 -1.44 4.60
N TYR A 99 -14.21 -2.45 4.23
CA TYR A 99 -12.91 -2.25 3.62
C TYR A 99 -12.36 -3.59 3.14
N ALA A 100 -11.49 -3.53 2.14
CA ALA A 100 -10.89 -4.71 1.56
C ALA A 100 -9.44 -4.48 1.16
N PRO A 101 -8.57 -5.44 1.46
CA PRO A 101 -8.92 -6.67 2.14
C PRO A 101 -9.31 -6.50 3.59
N LYS A 102 -10.21 -7.38 4.03
CA LYS A 102 -10.72 -7.40 5.39
C LYS A 102 -9.87 -8.21 6.35
N ASN A 103 -9.17 -9.23 5.88
CA ASN A 103 -8.36 -10.08 6.75
C ASN A 103 -6.93 -10.25 6.27
N GLN A 104 -6.08 -10.77 7.16
CA GLN A 104 -4.69 -11.02 6.87
C GLN A 104 -4.61 -11.88 5.59
N ASN A 105 -3.60 -11.60 4.75
CA ASN A 105 -3.48 -12.37 3.53
C ASN A 105 -2.04 -12.43 3.07
N GLU A 106 -1.55 -13.66 2.85
CA GLU A 106 -0.18 -13.83 2.39
C GLU A 106 -0.12 -14.51 1.03
N GLU A 107 -1.25 -14.50 0.31
CA GLU A 107 -1.28 -15.11 -1.01
C GLU A 107 -0.40 -14.27 -1.93
N PHE A 108 0.11 -14.89 -3.00
CA PHE A 108 0.98 -14.15 -3.88
C PHE A 108 0.26 -13.01 -4.60
N GLN A 109 -1.02 -13.16 -4.81
CA GLN A 109 -1.81 -12.12 -5.49
C GLN A 109 -3.14 -12.00 -4.75
N VAL A 110 -3.58 -10.80 -4.50
CA VAL A 110 -4.82 -10.53 -3.79
C VAL A 110 -5.83 -10.02 -4.83
N GLN A 111 -6.96 -10.69 -4.94
CA GLN A 111 -7.99 -10.32 -5.91
C GLN A 111 -9.37 -10.38 -5.26
N GLN A 112 -10.03 -9.24 -5.13
CA GLN A 112 -11.35 -9.20 -4.51
C GLN A 112 -12.26 -8.18 -5.20
N THR A 113 -13.56 -8.37 -5.02
CA THR A 113 -14.53 -7.45 -5.61
C THR A 113 -15.50 -6.96 -4.53
N VAL A 114 -15.59 -5.63 -4.41
CA VAL A 114 -16.50 -5.07 -3.40
C VAL A 114 -17.76 -4.64 -4.13
N GLY A 115 -18.94 -5.05 -3.70
CA GLY A 115 -20.15 -4.63 -4.41
C GLY A 115 -21.14 -3.90 -3.51
N TYR A 116 -21.95 -3.07 -4.16
CA TYR A 116 -22.98 -2.29 -3.47
C TYR A 116 -24.35 -2.85 -3.87
N SER A 117 -25.26 -2.95 -2.90
CA SER A 117 -26.58 -3.48 -3.26
C SER A 117 -27.67 -2.57 -2.70
N TYR A 118 -28.76 -2.54 -3.46
CA TYR A 118 -29.94 -1.76 -3.15
C TYR A 118 -30.20 -1.86 -1.66
N GLY A 119 -30.22 -0.75 -0.94
CA GLY A 119 -30.47 -0.87 0.50
C GLY A 119 -29.28 -0.42 1.31
N GLY A 120 -28.08 -0.43 0.69
CA GLY A 120 -26.90 -0.01 1.44
C GLY A 120 -25.99 -1.14 1.86
N ASP A 121 -26.36 -2.37 1.53
CA ASP A 121 -25.56 -3.52 1.89
C ASP A 121 -24.29 -3.57 1.02
N ILE A 122 -23.17 -3.85 1.69
CA ILE A 122 -21.87 -3.95 1.05
C ILE A 122 -21.47 -5.44 1.07
N ASN A 123 -21.16 -5.99 -0.08
CA ASN A 123 -20.77 -7.40 -0.10
C ASN A 123 -19.35 -7.53 -0.65
N ILE A 124 -18.78 -8.68 -0.36
CA ILE A 124 -17.42 -8.98 -0.78
C ILE A 124 -17.36 -10.34 -1.46
N SER A 125 -16.43 -10.50 -2.39
CA SER A 125 -16.28 -11.77 -3.07
C SER A 125 -14.84 -11.90 -3.57
N ASN A 126 -14.34 -13.11 -3.60
CA ASN A 126 -12.99 -13.36 -4.08
C ASN A 126 -12.94 -13.25 -5.60
N GLY A 127 -11.79 -12.90 -6.11
CA GLY A 127 -11.58 -12.77 -7.53
C GLY A 127 -12.11 -11.45 -8.09
N LEU A 128 -11.87 -11.28 -9.39
CA LEU A 128 -12.30 -10.07 -10.09
C LEU A 128 -13.71 -10.31 -10.62
N SER A 129 -14.72 -9.96 -9.84
CA SER A 129 -16.08 -10.16 -10.26
C SER A 129 -16.53 -9.14 -11.31
N GLY A 130 -17.46 -9.71 -12.07
CA GLY A 130 -18.11 -9.07 -13.15
C GLY A 130 -17.43 -7.77 -13.60
N GLY A 131 -18.17 -6.76 -13.38
CA GLY A 131 -18.19 -5.35 -13.54
C GLY A 131 -19.75 -5.10 -13.39
N GLY A 132 -20.40 -6.15 -13.88
CA GLY A 132 -21.84 -6.33 -13.92
C GLY A 132 -22.17 -7.67 -14.60
N LYS A 136 -26.44 -3.90 -14.11
CA LYS A 136 -27.06 -4.54 -12.94
C LYS A 136 -26.73 -3.83 -11.62
N SER A 137 -25.54 -4.06 -11.08
CA SER A 137 -25.13 -3.44 -9.81
C SER A 137 -23.69 -2.92 -9.85
N PHE A 138 -23.38 -1.96 -8.96
CA PHE A 138 -22.06 -1.39 -8.92
C PHE A 138 -21.05 -2.25 -8.14
N SER A 139 -19.82 -2.29 -8.65
CA SER A 139 -18.77 -3.02 -7.99
C SER A 139 -17.41 -2.41 -8.38
N GLU A 140 -16.47 -2.58 -7.46
CA GLU A 140 -15.10 -2.08 -7.62
C GLU A 140 -14.17 -3.23 -7.22
N THR A 141 -13.08 -3.43 -7.93
CA THR A 141 -12.17 -4.51 -7.64
C THR A 141 -10.81 -4.07 -7.09
N ILE A 142 -10.13 -5.02 -6.47
CA ILE A 142 -8.79 -4.80 -5.94
C ILE A 142 -7.95 -5.95 -6.56
N ASN A 143 -6.77 -5.64 -7.01
CA ASN A 143 -5.90 -6.66 -7.61
C ASN A 143 -4.43 -6.30 -7.36
N TYR A 144 -3.69 -7.05 -6.56
CA TYR A 144 -2.29 -6.70 -6.35
C TYR A 144 -1.41 -7.92 -6.08
N LYS A 145 -0.19 -7.84 -6.57
CA LYS A 145 0.79 -8.91 -6.35
C LYS A 145 1.65 -8.48 -5.12
N GLN A 146 1.99 -9.45 -4.28
CA GLN A 146 2.80 -9.17 -3.08
C GLN A 146 3.62 -10.41 -2.78
N GLU A 147 4.17 -11.05 -3.82
CA GLU A 147 4.94 -12.27 -3.53
C GLU A 147 6.01 -12.06 -2.48
N SER A 148 6.00 -12.94 -1.49
CA SER A 148 6.87 -13.03 -0.36
C SER A 148 6.48 -12.08 0.77
N TYR A 149 5.46 -11.23 0.56
CA TYR A 149 5.03 -10.27 1.56
C TYR A 149 3.69 -10.69 2.13
N ARG A 150 3.26 -10.04 3.19
CA ARG A 150 1.97 -10.36 3.82
C ARG A 150 1.21 -9.08 4.13
N THR A 151 -0.09 -9.14 3.88
CA THR A 151 -0.97 -8.00 4.16
C THR A 151 -1.64 -8.26 5.51
N SER A 152 -1.70 -7.20 6.31
CA SER A 152 -2.35 -7.31 7.63
C SER A 152 -2.97 -5.94 7.90
N LEU A 153 -4.06 -5.92 8.67
CA LEU A 153 -4.71 -4.64 8.95
C LEU A 153 -3.95 -3.84 9.97
N ASP A 154 -3.92 -2.52 9.79
CA ASP A 154 -3.21 -1.63 10.73
C ASP A 154 -3.98 -1.77 12.04
N LYS A 155 -3.30 -1.78 13.16
CA LYS A 155 -3.95 -1.90 14.46
C LYS A 155 -4.73 -0.66 14.84
N ARG A 156 -4.65 0.43 14.08
CA ARG A 156 -5.40 1.64 14.36
C ARG A 156 -6.73 1.66 13.60
N THR A 157 -6.97 0.64 12.78
CA THR A 157 -8.22 0.57 12.04
C THR A 157 -9.40 0.66 13.02
N ASN A 158 -10.35 1.53 12.73
CA ASN A 158 -11.52 1.71 13.59
C ASN A 158 -12.62 2.38 12.78
N PHE A 159 -13.58 3.02 13.42
CA PHE A 159 -14.68 3.69 12.75
C PHE A 159 -14.31 4.88 11.90
N LYS A 160 -13.15 5.47 12.08
CA LYS A 160 -12.71 6.64 11.33
C LYS A 160 -11.41 6.47 10.57
N LYS A 161 -10.76 5.32 10.65
CA LYS A 161 -9.50 5.08 9.99
C LYS A 161 -9.31 3.61 9.61
N ILE A 162 -8.74 3.41 8.41
CA ILE A 162 -8.47 2.07 7.94
C ILE A 162 -6.99 2.10 7.50
N GLY A 163 -6.27 1.04 7.70
CA GLY A 163 -4.87 1.00 7.27
C GLY A 163 -4.47 -0.43 6.92
N TRP A 164 -3.54 -0.57 5.99
CA TRP A 164 -3.06 -1.87 5.60
C TRP A 164 -1.51 -1.82 5.60
N ASP A 165 -0.92 -2.85 6.19
CA ASP A 165 0.51 -3.00 6.26
C ASP A 165 0.87 -4.17 5.32
N VAL A 166 1.85 -3.99 4.46
CA VAL A 166 2.30 -5.05 3.53
C VAL A 166 3.78 -5.24 3.86
N GLU A 167 4.12 -6.29 4.62
CA GLU A 167 5.51 -6.49 5.05
C GLU A 167 6.22 -7.74 4.60
N ALA A 168 7.54 -7.62 4.44
CA ALA A 168 8.36 -8.77 4.02
C ALA A 168 7.96 -9.93 4.94
N HIS A 169 7.77 -11.11 4.38
CA HIS A 169 7.35 -12.20 5.25
C HIS A 169 8.06 -13.53 5.04
N LYS A 170 8.17 -13.97 3.80
CA LYS A 170 8.85 -15.26 3.52
C LYS A 170 9.71 -15.11 2.30
N ILE A 171 10.96 -14.64 2.56
CA ILE A 171 11.85 -14.42 1.43
C ILE A 171 12.80 -15.56 1.22
N MET A 172 12.77 -16.15 0.03
CA MET A 172 13.67 -17.27 -0.27
C MET A 172 14.96 -16.77 -0.93
N ASN A 173 16.07 -17.39 -0.53
CA ASN A 173 17.38 -17.05 -1.09
C ASN A 173 17.93 -18.35 -1.69
N ASN A 174 17.85 -18.47 -3.02
CA ASN A 174 18.35 -19.72 -3.59
C ASN A 174 17.88 -20.98 -2.89
N GLY A 175 16.58 -21.19 -2.72
CA GLY A 175 16.10 -22.40 -2.06
C GLY A 175 16.27 -22.42 -0.56
N TRP A 176 16.92 -21.45 0.08
CA TRP A 176 17.09 -21.43 1.53
C TRP A 176 16.06 -20.40 2.05
N GLY A 177 15.56 -20.61 3.26
CA GLY A 177 14.56 -19.68 3.82
C GLY A 177 13.38 -20.51 4.31
N PRO A 178 12.22 -19.91 4.42
CA PRO A 178 12.03 -18.51 4.12
C PRO A 178 12.66 -17.60 5.17
N TYR A 179 13.19 -16.49 4.72
CA TYR A 179 13.81 -15.52 5.63
C TYR A 179 12.93 -14.31 5.85
N GLY A 180 13.30 -13.47 6.82
CA GLY A 180 12.54 -12.27 7.12
C GLY A 180 13.42 -11.16 7.65
N ARG A 181 12.79 -10.07 8.09
CA ARG A 181 13.47 -8.92 8.60
C ARG A 181 14.29 -9.17 9.86
N ASP A 182 13.97 -10.14 10.67
CA ASP A 182 14.64 -10.51 11.88
C ASP A 182 15.24 -11.92 11.88
N SER A 183 15.54 -12.54 10.74
CA SER A 183 16.13 -13.87 10.76
C SER A 183 17.45 -13.85 11.53
N TYR A 184 17.61 -14.86 12.38
CA TYR A 184 18.81 -14.92 13.23
C TYR A 184 19.58 -16.20 13.08
N HIS A 185 20.91 -16.09 13.07
CA HIS A 185 21.79 -17.26 12.99
C HIS A 185 23.04 -16.83 13.79
N SER A 186 23.42 -17.56 14.82
CA SER A 186 24.53 -17.31 15.71
C SER A 186 25.86 -17.13 15.02
N THR A 187 26.07 -17.79 13.90
CA THR A 187 27.32 -17.67 13.16
C THR A 187 27.20 -16.77 11.95
N TYR A 188 26.21 -17.00 11.09
CA TYR A 188 26.08 -16.19 9.88
C TYR A 188 25.19 -14.98 9.89
N GLY A 189 24.54 -14.64 11.00
CA GLY A 189 23.67 -13.44 11.04
C GLY A 189 22.40 -13.64 10.23
N ASN A 190 21.85 -12.58 9.69
CA ASN A 190 20.62 -12.65 8.87
C ASN A 190 21.07 -12.94 7.44
N GLU A 191 20.85 -14.13 6.90
CA GLU A 191 21.32 -14.42 5.54
C GLU A 191 20.28 -14.19 4.45
N MET A 192 19.21 -13.49 4.72
CA MET A 192 18.18 -13.27 3.71
C MET A 192 18.70 -12.88 2.32
N PHE A 193 19.57 -11.90 2.21
CA PHE A 193 20.07 -11.48 0.90
C PHE A 193 21.58 -11.65 0.76
N LEU A 194 22.14 -12.54 1.57
CA LEU A 194 23.60 -12.75 1.48
C LEU A 194 23.87 -13.61 0.23
N GLY A 195 24.97 -13.38 -0.45
CA GLY A 195 25.34 -14.14 -1.63
C GLY A 195 25.70 -15.59 -1.25
N SER A 196 26.84 -15.79 -0.68
CA SER A 196 27.32 -17.11 -0.27
C SER A 196 28.22 -16.93 0.96
N ARG A 197 28.27 -17.92 1.83
CA ARG A 197 29.09 -17.82 3.03
C ARG A 197 30.59 -17.83 2.74
N GLN A 198 31.03 -18.46 1.66
CA GLN A 198 32.47 -18.49 1.40
C GLN A 198 32.83 -17.80 0.11
N SER A 199 31.95 -16.95 -0.40
CA SER A 199 32.23 -16.25 -1.64
C SER A 199 33.57 -15.55 -1.70
N ASN A 200 34.16 -15.61 -2.88
CA ASN A 200 35.45 -15.01 -3.20
C ASN A 200 35.32 -13.62 -3.79
N LEU A 201 34.10 -13.12 -3.99
CA LEU A 201 33.94 -11.79 -4.59
C LEU A 201 34.02 -10.65 -3.61
N ASN A 202 33.99 -9.43 -4.09
CA ASN A 202 33.99 -8.26 -3.21
C ASN A 202 32.70 -8.24 -2.38
N ALA A 203 32.65 -7.55 -1.26
CA ALA A 203 31.43 -7.48 -0.43
C ALA A 203 30.27 -6.92 -1.24
N GLY A 204 30.50 -5.85 -2.00
CA GLY A 204 29.46 -5.26 -2.84
C GLY A 204 28.89 -6.22 -3.87
N GLN A 205 29.56 -7.29 -4.24
CA GLN A 205 29.05 -8.25 -5.21
C GLN A 205 28.55 -9.52 -4.53
N ASN A 206 28.66 -9.63 -3.20
CA ASN A 206 28.22 -10.84 -2.53
C ASN A 206 26.84 -10.73 -1.88
N PHE A 207 25.86 -10.37 -2.71
CA PHE A 207 24.49 -10.26 -2.31
C PHE A 207 23.63 -11.04 -3.31
N LEU A 208 22.45 -11.47 -2.88
CA LEU A 208 21.55 -12.20 -3.78
C LEU A 208 21.29 -11.33 -5.03
N GLU A 209 21.28 -11.94 -6.20
CA GLU A 209 21.04 -11.20 -7.44
C GLU A 209 19.74 -10.43 -7.37
N TYR A 210 19.77 -9.17 -7.84
CA TYR A 210 18.61 -8.29 -7.86
C TYR A 210 17.34 -8.96 -8.38
N HIS A 211 17.42 -9.68 -9.52
CA HIS A 211 16.26 -10.35 -10.08
C HIS A 211 15.82 -11.55 -9.26
N LYS A 212 16.58 -11.98 -8.24
CA LYS A 212 16.14 -13.10 -7.42
C LYS A 212 15.42 -12.59 -6.17
N MET A 213 15.54 -11.31 -5.87
CA MET A 213 14.87 -10.69 -4.73
C MET A 213 13.41 -10.46 -5.12
N PRO A 214 12.51 -10.39 -4.16
CA PRO A 214 11.12 -10.17 -4.42
C PRO A 214 10.91 -8.83 -5.11
N VAL A 215 9.91 -8.72 -5.98
CA VAL A 215 9.68 -7.42 -6.63
C VAL A 215 9.42 -6.32 -5.62
N LEU A 216 8.67 -6.63 -4.54
CA LEU A 216 8.39 -5.60 -3.53
C LEU A 216 9.60 -5.15 -2.73
N SER A 217 10.64 -5.95 -2.64
CA SER A 217 11.84 -5.57 -1.91
C SER A 217 12.74 -4.65 -2.76
N ARG A 218 12.84 -4.91 -4.08
CA ARG A 218 13.70 -4.08 -4.89
C ARG A 218 13.04 -3.29 -5.99
N GLY A 219 11.78 -3.52 -6.26
CA GLY A 219 11.13 -2.79 -7.35
C GLY A 219 10.09 -1.79 -6.85
N ASN A 220 8.85 -2.07 -7.23
CA ASN A 220 7.71 -1.24 -6.86
C ASN A 220 6.56 -2.11 -6.32
N PHE A 221 5.73 -1.47 -5.51
CA PHE A 221 4.54 -2.07 -4.96
C PHE A 221 3.40 -1.25 -5.63
N ASN A 222 2.43 -1.92 -6.20
CA ASN A 222 1.28 -1.30 -6.85
C ASN A 222 0.08 -1.65 -6.00
N PRO A 223 -0.22 -0.84 -4.99
CA PRO A 223 -1.31 -1.13 -4.10
C PRO A 223 -2.68 -1.00 -4.75
N GLU A 224 -3.62 -1.75 -4.23
CA GLU A 224 -5.00 -1.73 -4.62
C GLU A 224 -5.80 -2.03 -3.37
N PHE A 225 -6.37 -1.01 -2.74
CA PHE A 225 -7.15 -1.16 -1.51
C PHE A 225 -8.45 -0.39 -1.62
N ILE A 226 -9.45 -0.81 -0.84
CA ILE A 226 -10.74 -0.18 -0.83
C ILE A 226 -11.23 0.11 0.60
N GLY A 227 -11.67 1.34 0.78
CA GLY A 227 -12.24 1.81 2.04
C GLY A 227 -13.71 2.19 1.70
N VAL A 228 -14.68 1.70 2.49
CA VAL A 228 -16.07 2.12 2.16
C VAL A 228 -16.57 2.93 3.37
N LEU A 229 -17.01 4.16 3.10
CA LEU A 229 -17.51 5.05 4.13
C LEU A 229 -18.97 5.43 3.88
N SER A 230 -19.69 5.70 4.96
CA SER A 230 -21.09 6.08 4.91
C SER A 230 -21.33 7.43 5.60
N ARG A 231 -22.35 8.13 5.13
CA ARG A 231 -22.67 9.42 5.73
C ARG A 231 -24.19 9.65 5.79
N LYS A 232 -24.76 9.89 6.97
CA LYS A 232 -26.21 10.14 7.02
C LYS A 232 -26.47 11.40 6.18
N GLN A 233 -27.51 11.38 5.35
CA GLN A 233 -27.81 12.52 4.50
C GLN A 233 -28.25 13.80 5.19
N ASN A 234 -28.56 13.77 6.47
CA ASN A 234 -29.00 14.99 7.13
C ASN A 234 -27.87 15.65 7.90
N ALA A 235 -26.66 15.13 7.79
CA ALA A 235 -25.50 15.66 8.48
C ALA A 235 -24.76 16.75 7.72
N ALA A 236 -23.65 17.24 8.28
CA ALA A 236 -22.88 18.30 7.60
C ALA A 236 -22.58 17.82 6.17
N LYS A 237 -22.52 18.72 5.19
CA LYS A 237 -22.28 18.36 3.81
C LYS A 237 -20.83 18.07 3.46
N LYS A 238 -19.88 18.59 4.23
CA LYS A 238 -18.48 18.34 3.90
C LYS A 238 -17.74 17.51 4.93
N SER A 239 -16.63 16.89 4.51
CA SER A 239 -15.80 16.09 5.38
C SER A 239 -14.38 16.06 4.77
N LYS A 240 -13.42 15.53 5.53
CA LYS A 240 -12.05 15.43 5.09
C LYS A 240 -11.57 13.98 4.98
N ILE A 241 -10.91 13.68 3.88
CA ILE A 241 -10.38 12.33 3.66
C ILE A 241 -8.85 12.50 3.54
N THR A 242 -8.12 11.74 4.34
CA THR A 242 -6.66 11.82 4.26
C THR A 242 -6.13 10.46 3.80
N VAL A 243 -5.33 10.45 2.76
CA VAL A 243 -4.78 9.19 2.27
C VAL A 243 -3.26 9.26 2.37
N THR A 244 -2.65 8.30 3.06
CA THR A 244 -1.20 8.26 3.23
C THR A 244 -0.58 7.00 2.69
N TYR A 245 0.41 7.12 1.82
CA TYR A 245 1.14 6.01 1.23
C TYR A 245 2.55 6.07 1.82
N GLN A 246 3.05 4.98 2.37
CA GLN A 246 4.38 5.01 2.94
C GLN A 246 5.15 3.70 2.69
N ARG A 247 6.45 3.87 2.55
CA ARG A 247 7.38 2.78 2.37
C ARG A 247 8.37 2.92 3.58
N GLU A 248 8.69 1.78 4.14
CA GLU A 248 9.63 1.67 5.25
C GLU A 248 10.83 0.88 4.71
N MET A 249 12.06 1.39 4.93
CA MET A 249 13.22 0.70 4.41
C MET A 249 14.15 0.15 5.44
N ASP A 250 14.71 -1.03 5.16
CA ASP A 250 15.67 -1.66 6.09
C ASP A 250 17.04 -1.60 5.41
N ARG A 251 18.12 -1.63 6.18
CA ARG A 251 19.46 -1.60 5.61
C ARG A 251 20.02 -3.02 5.69
N TYR A 252 20.25 -3.71 4.59
CA TYR A 252 20.82 -5.07 4.68
C TYR A 252 22.33 -4.92 4.51
N THR A 253 23.15 -5.67 5.24
CA THR A 253 24.61 -5.54 5.14
C THR A 253 25.29 -6.90 5.08
N ASN A 254 26.57 -6.91 4.73
CA ASN A 254 27.37 -8.12 4.68
C ASN A 254 28.78 -7.74 5.23
N PHE A 255 29.50 -8.72 5.73
CA PHE A 255 30.81 -8.48 6.28
C PHE A 255 31.68 -9.74 6.25
N TRP A 256 32.92 -9.55 5.82
CA TRP A 256 33.87 -10.68 5.76
C TRP A 256 34.68 -10.64 7.06
N ASN A 257 34.62 -11.68 7.88
CA ASN A 257 35.34 -11.68 9.14
C ASN A 257 36.68 -12.39 9.09
N GLN A 258 37.22 -12.60 7.91
CA GLN A 258 38.50 -13.29 7.73
C GLN A 258 38.33 -14.77 7.54
N LEU A 259 37.17 -15.33 7.90
CA LEU A 259 36.91 -16.75 7.74
C LEU A 259 35.68 -17.01 6.87
N HIS A 260 34.62 -16.24 7.09
CA HIS A 260 33.39 -16.40 6.32
C HIS A 260 32.60 -15.09 6.30
N TRP A 261 31.57 -15.06 5.47
CA TRP A 261 30.71 -13.90 5.34
C TRP A 261 29.64 -13.94 6.44
N ILE A 262 29.15 -12.76 6.81
CA ILE A 262 28.12 -12.57 7.82
C ILE A 262 27.13 -11.54 7.24
N GLY A 263 25.84 -11.77 7.37
CA GLY A 263 24.90 -10.77 6.81
C GLY A 263 24.10 -10.20 7.98
N ASN A 264 23.56 -9.01 7.87
CA ASN A 264 22.76 -8.44 8.95
C ASN A 264 21.66 -7.56 8.35
N ASN A 265 20.56 -7.41 9.07
CA ASN A 265 19.48 -6.56 8.56
C ASN A 265 19.07 -5.58 9.64
N TYR A 266 19.14 -4.30 9.38
CA TYR A 266 18.77 -3.26 10.34
C TYR A 266 17.45 -2.63 9.91
N LYS A 267 16.41 -2.90 10.66
CA LYS A 267 15.08 -2.43 10.41
C LYS A 267 14.78 -0.96 10.58
N ASP A 268 13.87 -0.51 9.72
CA ASP A 268 13.39 0.85 9.75
C ASP A 268 14.48 1.90 9.85
N GLU A 269 15.33 1.93 8.83
CA GLU A 269 16.42 2.87 8.73
C GLU A 269 15.93 4.14 7.99
N ASN A 270 14.83 3.97 7.27
CA ASN A 270 14.31 5.14 6.56
C ASN A 270 12.83 4.92 6.25
N ARG A 271 12.13 6.04 6.08
CA ARG A 271 10.71 5.96 5.72
C ARG A 271 10.49 7.08 4.68
N ALA A 272 9.65 6.84 3.69
CA ALA A 272 9.32 7.85 2.66
C ALA A 272 7.78 7.85 2.63
N THR A 273 7.19 9.02 2.75
CA THR A 273 5.72 9.09 2.81
C THR A 273 5.09 10.19 1.99
N HIS A 274 3.95 9.87 1.38
CA HIS A 274 3.24 10.89 0.57
C HIS A 274 1.80 10.90 1.11
N THR A 275 1.37 12.09 1.55
CA THR A 275 0.04 12.19 2.11
C THR A 275 -0.80 13.24 1.40
N SER A 276 -2.08 12.93 1.18
CA SER A 276 -2.91 13.95 0.51
C SER A 276 -4.19 14.11 1.34
N ILE A 277 -4.67 15.35 1.45
CA ILE A 277 -5.88 15.62 2.21
C ILE A 277 -6.91 16.22 1.24
N TYR A 278 -8.07 15.59 1.22
CA TYR A 278 -9.15 16.02 0.36
C TYR A 278 -10.39 16.47 1.14
N GLU A 279 -11.02 17.49 0.58
CA GLU A 279 -12.26 18.01 1.16
C GLU A 279 -13.33 17.32 0.29
N VAL A 280 -14.19 16.58 0.94
CA VAL A 280 -15.25 15.86 0.25
C VAL A 280 -16.57 16.60 0.34
N ASP A 281 -17.14 16.91 -0.82
CA ASP A 281 -18.46 17.58 -0.79
C ASP A 281 -19.45 16.44 -1.11
N TRP A 282 -20.13 15.92 -0.10
CA TRP A 282 -21.07 14.83 -0.24
C TRP A 282 -22.35 15.15 -1.00
N GLU A 283 -22.71 16.41 -1.07
CA GLU A 283 -23.91 16.91 -1.76
C GLU A 283 -23.67 16.97 -3.25
N ASN A 284 -22.50 17.44 -3.68
CA ASN A 284 -22.14 17.56 -5.08
C ASN A 284 -21.30 16.39 -5.58
N HIS A 285 -20.94 15.45 -4.70
CA HIS A 285 -20.16 14.28 -5.05
C HIS A 285 -18.82 14.66 -5.67
N THR A 286 -18.19 15.71 -5.12
CA THR A 286 -16.90 16.14 -5.65
C THR A 286 -15.87 16.17 -4.52
N VAL A 287 -14.60 16.15 -4.92
CA VAL A 287 -13.50 16.20 -3.98
C VAL A 287 -12.60 17.37 -4.39
N LYS A 288 -11.92 17.93 -3.41
CA LYS A 288 -11.03 19.07 -3.69
C LYS A 288 -9.76 18.82 -2.87
N LEU A 289 -8.60 18.96 -3.50
CA LEU A 289 -7.38 18.74 -2.75
C LEU A 289 -7.13 19.87 -1.76
N ILE A 290 -6.98 19.55 -0.48
CA ILE A 290 -6.71 20.57 0.54
C ILE A 290 -5.21 20.76 0.59
N ASP A 291 -4.47 19.63 0.77
CA ASP A 291 -3.02 19.83 0.77
C ASP A 291 -2.35 18.47 0.54
N THR A 292 -1.06 18.59 0.26
CA THR A 292 -0.29 17.36 0.01
C THR A 292 1.07 17.55 0.65
N GLN A 293 1.61 16.49 1.26
CA GLN A 293 2.92 16.57 1.89
C GLN A 293 3.75 15.33 1.53
N SER A 294 5.01 15.53 1.19
CA SER A 294 5.93 14.44 0.85
C SER A 294 7.18 14.55 1.73
N LYS A 295 7.58 13.45 2.39
CA LYS A 295 8.76 13.57 3.26
C LYS A 295 9.55 12.28 3.38
N GLU A 296 10.82 12.45 3.74
CA GLU A 296 11.74 11.33 3.91
C GLU A 296 12.85 11.79 4.86
N LYS A 297 13.03 11.14 6.01
CA LYS A 297 14.05 11.57 6.93
C LYS A 297 15.47 11.06 6.76
N ASN A 298 15.74 9.91 6.17
CA ASN A 298 17.14 9.46 6.07
C ASN A 298 17.46 8.75 4.77
N PRO A 299 17.43 9.49 3.66
CA PRO A 299 17.70 8.97 2.35
C PRO A 299 19.10 8.40 2.16
N MET A 300 19.23 7.71 1.04
CA MET A 300 20.43 7.07 0.59
C MET A 300 21.06 6.13 1.59
N SER A 301 22.33 6.32 1.95
CA SER A 301 22.92 5.38 2.91
C SER A 301 24.16 5.94 3.61
#